data_6U2K
#
_entry.id   6U2K
#
_cell.length_a   1.00
_cell.length_b   1.00
_cell.length_c   1.00
_cell.angle_alpha   90.00
_cell.angle_beta   90.00
_cell.angle_gamma   90.00
#
_symmetry.space_group_name_H-M   'P 1'
#
loop_
_entity.id
_entity.type
_entity.pdbx_description
1 polymer 'Macrophage-expressed gene 1 protein'
2 branched 2-acetamido-2-deoxy-beta-D-glucopyranose-(1-4)-2-acetamido-2-deoxy-beta-D-glucopyranose
#
_entity_poly.entity_id   1
_entity_poly.type   'polypeptide(L)'
_entity_poly.pdbx_seq_one_letter_code
;KSGKPSGEMDEVGVQKCKNALKLPVLEVLPGGGWDNLRNVDMGRVMELTYSNCRTTEDGQYIIPDEIFTIPQKQSNLEMN
SEILESWANYQSSTSYSINTELSLFSKVNGKFSTEFQRMKTLQVKDQAITTRVQVRNLVYTVKINPTLELSSGFRKELLD
ISDRLENNQTRMATYLAELLVLNYGTHVTTSVDAGAALIQEDHLRASFLQDSQSSRSAVTASAGLAFQNTVNFKFEENYT
SQNVLTKSYLSNRTNSRVQSIGGVPFYPGITLQAWQQGITNHLVAIDRSGLPLHFFINPNMLPDLPGPLVKKVSKTVETA
VKRYYTFNTYPGCTDLNSPNFNFQANTDDGSCEGKMTNFSFGGVYQECTQLSGNRDVLLCQKLEQKNPLTGDFSCPSGYS
PVHLLSQIHEEGYNHLECHRKCTLKVFCKTVCEDVFQVAKAEFRAFWCVASSQVPENSGLLFGGLFSSKSINPMTNAQSC
PAGYFPLRLFENLKVCVSQDYELGSRFAVPFGGFFSCTVGNPLVDPAISRDLGAPSLKKCPGGFSQHPALISDGCQVSYC
VKSGLFTGGSLPPARLPPFTRPPLMSQAATNTVIVTNSENARSWIKDSQTHQWRLGEPIELRRAMNVIHGDGGGLSHHHH
HH
;
_entity_poly.pdbx_strand_id   B
#
loop_
_chem_comp.id
_chem_comp.type
_chem_comp.name
_chem_comp.formula
NAG D-saccharide, beta linking 2-acetamido-2-deoxy-beta-D-glucopyranose 'C8 H15 N O6'
#
# COMPACT_ATOMS: atom_id res chain seq x y z
N GLU A 11 32.21 -14.93 -20.99
CA GLU A 11 33.57 -15.19 -20.53
C GLU A 11 33.68 -15.01 -19.03
N VAL A 12 32.92 -14.06 -18.47
CA VAL A 12 32.87 -13.83 -17.04
C VAL A 12 31.42 -13.79 -16.59
N GLY A 13 31.23 -14.00 -15.30
CA GLY A 13 29.89 -13.90 -14.71
C GLY A 13 29.18 -15.24 -14.72
N VAL A 14 27.92 -15.20 -15.16
CA VAL A 14 27.09 -16.40 -15.15
C VAL A 14 27.56 -17.39 -16.20
N GLN A 15 27.96 -16.89 -17.36
CA GLN A 15 28.16 -17.72 -18.53
C GLN A 15 29.44 -18.55 -18.42
N LYS A 16 30.40 -18.11 -17.60
CA LYS A 16 31.59 -18.91 -17.38
C LYS A 16 31.27 -20.17 -16.60
N CYS A 17 30.41 -20.05 -15.58
CA CYS A 17 30.02 -21.22 -14.81
C CYS A 17 29.05 -22.11 -15.56
N LYS A 18 28.37 -21.56 -16.56
CA LYS A 18 27.34 -22.31 -17.26
C LYS A 18 27.91 -23.13 -18.40
N ASN A 19 28.98 -22.66 -19.04
CA ASN A 19 29.63 -23.42 -20.10
C ASN A 19 30.54 -24.51 -19.54
N ALA A 20 31.14 -24.28 -18.38
CA ALA A 20 32.04 -25.27 -17.82
C ALA A 20 31.28 -26.43 -17.18
N LEU A 21 30.10 -26.17 -16.64
CA LEU A 21 29.35 -27.19 -15.91
C LEU A 21 28.27 -27.85 -16.75
N LYS A 22 27.66 -27.10 -17.66
CA LYS A 22 26.49 -27.50 -18.46
C LYS A 22 25.32 -27.91 -17.54
N LEU A 23 24.83 -26.92 -16.80
CA LEU A 23 23.74 -27.09 -15.86
C LEU A 23 22.81 -25.88 -15.96
N PRO A 24 21.53 -26.04 -15.62
CA PRO A 24 20.67 -24.89 -15.47
C PRO A 24 21.05 -24.07 -14.24
N VAL A 25 20.52 -22.87 -14.19
CA VAL A 25 20.70 -21.97 -13.06
C VAL A 25 19.42 -21.99 -12.23
N LEU A 26 19.55 -22.01 -10.91
CA LEU A 26 18.38 -21.97 -10.05
C LEU A 26 17.73 -20.60 -10.15
N GLU A 27 16.47 -20.59 -10.57
CA GLU A 27 15.75 -19.36 -10.85
C GLU A 27 14.94 -18.86 -9.68
N VAL A 28 14.99 -19.54 -8.53
CA VAL A 28 14.23 -19.10 -7.38
C VAL A 28 15.24 -18.53 -6.39
N LEU A 29 15.47 -17.23 -6.44
CA LEU A 29 16.57 -16.68 -5.69
C LEU A 29 16.08 -15.70 -4.63
N PRO A 30 16.71 -15.65 -3.49
CA PRO A 30 16.36 -14.67 -2.48
C PRO A 30 17.07 -13.37 -2.71
N GLY A 31 16.95 -12.45 -1.78
CA GLY A 31 17.64 -11.20 -1.85
C GLY A 31 16.87 -10.08 -2.48
N GLY A 32 15.94 -10.39 -3.36
CA GLY A 32 15.17 -9.34 -3.99
C GLY A 32 14.12 -8.79 -3.07
N GLY A 33 13.61 -7.62 -3.43
CA GLY A 33 12.63 -6.96 -2.61
C GLY A 33 11.28 -7.60 -2.71
N TRP A 34 10.33 -7.08 -1.94
CA TRP A 34 9.01 -7.68 -1.84
C TRP A 34 8.05 -6.64 -1.31
N ASP A 35 7.13 -6.19 -2.15
CA ASP A 35 6.00 -5.40 -1.68
C ASP A 35 5.09 -6.31 -0.89
N ASN A 36 4.71 -5.89 0.31
CA ASN A 36 3.97 -6.82 1.15
C ASN A 36 2.48 -6.59 1.11
N LEU A 37 2.03 -5.41 0.70
CA LEU A 37 0.61 -5.22 0.45
C LEU A 37 0.16 -6.01 -0.77
N ARG A 38 0.65 -5.62 -1.94
CA ARG A 38 0.45 -6.38 -3.15
C ARG A 38 1.54 -7.45 -3.15
N ASN A 39 1.17 -8.71 -3.04
CA ASN A 39 2.19 -9.76 -2.94
C ASN A 39 2.87 -9.94 -4.29
N VAL A 40 3.77 -9.02 -4.60
CA VAL A 40 4.56 -9.01 -5.82
C VAL A 40 6.01 -8.76 -5.44
N ASP A 41 6.91 -9.23 -6.29
CA ASP A 41 8.34 -9.05 -6.06
C ASP A 41 8.90 -8.05 -7.04
N MET A 42 9.93 -7.33 -6.59
CA MET A 42 10.47 -6.21 -7.33
C MET A 42 11.88 -5.92 -6.85
N GLY A 43 12.66 -5.25 -7.68
CA GLY A 43 13.99 -4.83 -7.28
C GLY A 43 14.99 -5.94 -7.07
N ARG A 44 16.22 -5.56 -6.75
CA ARG A 44 17.24 -6.52 -6.30
C ARG A 44 18.07 -5.82 -5.23
N VAL A 45 17.87 -6.22 -3.98
CA VAL A 45 18.53 -5.56 -2.87
C VAL A 45 19.93 -6.11 -2.64
N MET A 46 20.12 -7.41 -2.78
CA MET A 46 21.39 -8.04 -2.50
C MET A 46 22.18 -8.26 -3.78
N GLU A 47 23.50 -8.35 -3.64
CA GLU A 47 24.39 -8.55 -4.78
C GLU A 47 24.63 -10.04 -4.93
N LEU A 48 24.27 -10.59 -6.08
CA LEU A 48 24.47 -12.00 -6.39
C LEU A 48 25.54 -12.11 -7.46
N THR A 49 26.70 -12.64 -7.09
CA THR A 49 27.81 -12.82 -8.01
C THR A 49 28.10 -14.31 -8.16
N TYR A 50 28.34 -14.76 -9.38
CA TYR A 50 28.57 -16.18 -9.63
C TYR A 50 30.04 -16.26 -10.01
N SER A 51 30.92 -16.32 -9.02
CA SER A 51 32.35 -16.33 -9.30
C SER A 51 33.05 -17.61 -8.90
N ASN A 52 32.53 -18.36 -7.95
CA ASN A 52 33.14 -19.61 -7.52
C ASN A 52 32.59 -20.82 -8.25
N CYS A 53 31.58 -20.61 -9.12
CA CYS A 53 30.89 -21.67 -9.86
C CYS A 53 30.34 -22.75 -8.92
N ARG A 54 29.60 -22.31 -7.91
CA ARG A 54 28.99 -23.24 -6.99
C ARG A 54 27.80 -23.93 -7.63
N THR A 55 27.62 -25.20 -7.27
CA THR A 55 26.45 -25.96 -7.63
C THR A 55 25.75 -26.41 -6.36
N THR A 56 24.53 -26.90 -6.53
CA THR A 56 23.83 -27.55 -5.46
C THR A 56 24.51 -28.90 -5.19
N GLU A 57 24.31 -29.42 -3.97
CA GLU A 57 24.90 -30.71 -3.59
C GLU A 57 24.37 -31.86 -4.44
N ASP A 58 23.20 -31.71 -5.04
CA ASP A 58 22.75 -32.66 -6.05
C ASP A 58 23.61 -32.61 -7.30
N GLY A 59 24.22 -31.47 -7.57
CA GLY A 59 24.93 -31.28 -8.82
C GLY A 59 24.02 -31.05 -9.99
N GLN A 60 22.91 -30.37 -9.79
CA GLN A 60 21.89 -30.22 -10.82
C GLN A 60 21.60 -28.77 -11.19
N TYR A 61 21.81 -27.83 -10.29
CA TYR A 61 21.67 -26.42 -10.60
C TYR A 61 22.96 -25.68 -10.34
N ILE A 62 22.97 -24.40 -10.69
CA ILE A 62 24.07 -23.49 -10.45
C ILE A 62 23.55 -22.33 -9.64
N ILE A 63 24.15 -22.07 -8.49
CA ILE A 63 23.65 -21.07 -7.56
C ILE A 63 24.71 -19.99 -7.42
N PRO A 64 24.35 -18.82 -6.88
CA PRO A 64 25.39 -17.85 -6.52
C PRO A 64 26.28 -18.30 -5.37
N ASP A 65 27.26 -17.46 -5.02
CA ASP A 65 28.21 -17.84 -3.98
C ASP A 65 27.63 -17.68 -2.60
N GLU A 66 26.90 -16.61 -2.39
CA GLU A 66 26.33 -16.25 -1.09
C GLU A 66 24.91 -16.78 -0.94
N ILE A 67 24.74 -18.06 -1.25
CA ILE A 67 23.45 -18.75 -1.25
C ILE A 67 23.73 -20.19 -0.82
N PHE A 68 23.07 -20.66 0.21
CA PHE A 68 23.14 -22.07 0.57
C PHE A 68 21.75 -22.69 0.51
N THR A 69 21.67 -23.90 -0.03
CA THR A 69 20.41 -24.58 -0.20
C THR A 69 20.30 -25.73 0.78
N ILE A 70 19.08 -26.00 1.22
CA ILE A 70 18.79 -27.14 2.08
C ILE A 70 17.83 -28.06 1.34
N PRO A 71 18.25 -29.26 0.98
CA PRO A 71 17.38 -30.14 0.19
C PRO A 71 16.22 -30.72 0.98
N GLN A 72 15.02 -30.23 0.71
CA GLN A 72 13.85 -30.76 1.39
C GLN A 72 13.36 -32.04 0.74
N LYS A 73 13.13 -31.99 -0.58
CA LYS A 73 12.63 -33.10 -1.41
C LYS A 73 11.33 -33.68 -0.84
N GLN A 74 10.41 -32.79 -0.50
CA GLN A 74 9.22 -33.16 0.24
C GLN A 74 8.00 -33.14 -0.68
N SER A 75 6.97 -33.89 -0.31
CA SER A 75 5.76 -33.92 -1.10
C SER A 75 4.55 -34.09 -0.20
N ASN A 76 3.57 -33.19 -0.32
CA ASN A 76 2.34 -33.25 0.43
C ASN A 76 1.18 -33.54 -0.50
N LEU A 77 0.24 -34.36 -0.04
CA LEU A 77 -0.92 -34.73 -0.83
C LEU A 77 -2.07 -34.96 0.13
N GLU A 78 -3.05 -34.06 0.11
CA GLU A 78 -4.15 -34.13 1.05
C GLU A 78 -5.46 -34.44 0.33
N MET A 79 -6.31 -35.21 1.00
CA MET A 79 -7.57 -35.67 0.43
C MET A 79 -8.78 -34.93 0.98
N ASN A 80 -8.56 -33.80 1.62
CA ASN A 80 -9.65 -32.98 2.15
C ASN A 80 -9.38 -31.53 1.85
N SER A 81 -10.43 -30.81 1.47
CA SER A 81 -10.30 -29.37 1.36
C SER A 81 -10.33 -28.75 2.75
N GLU A 82 -9.79 -27.55 2.84
CA GLU A 82 -9.85 -26.78 4.08
C GLU A 82 -10.82 -25.62 3.89
N ILE A 83 -11.80 -25.54 4.79
CA ILE A 83 -12.87 -24.56 4.66
C ILE A 83 -12.37 -23.24 5.25
N LEU A 84 -12.39 -22.19 4.43
CA LEU A 84 -11.87 -20.89 4.84
C LEU A 84 -12.98 -19.86 4.68
N GLU A 85 -13.90 -19.81 5.63
CA GLU A 85 -14.89 -18.75 5.62
C GLU A 85 -14.28 -17.53 6.31
N SER A 86 -14.99 -16.39 6.26
CA SER A 86 -14.64 -15.16 6.96
C SER A 86 -13.27 -14.64 6.53
N TRP A 87 -13.26 -14.04 5.34
CA TRP A 87 -12.06 -13.59 4.63
C TRP A 87 -11.07 -12.70 5.38
N ALA A 88 -11.41 -12.25 6.59
CA ALA A 88 -10.50 -11.40 7.37
C ALA A 88 -9.26 -12.14 7.83
N ASN A 89 -9.31 -13.45 8.00
CA ASN A 89 -8.11 -14.23 8.31
C ASN A 89 -7.94 -15.34 7.28
N TYR A 90 -6.98 -15.15 6.37
CA TYR A 90 -6.83 -16.03 5.21
C TYR A 90 -5.37 -16.34 4.99
N GLN A 91 -5.13 -17.49 4.38
CA GLN A 91 -3.79 -17.90 3.98
C GLN A 91 -3.59 -17.52 2.53
N SER A 92 -2.33 -17.34 2.15
CA SER A 92 -2.04 -16.85 0.81
C SER A 92 -1.55 -17.92 -0.15
N SER A 93 -1.06 -19.06 0.34
CA SER A 93 -0.62 -20.25 -0.40
C SER A 93 0.63 -20.05 -1.23
N THR A 94 1.14 -18.83 -1.27
CA THR A 94 2.40 -18.53 -1.92
C THR A 94 3.25 -17.60 -1.07
N SER A 95 2.65 -16.87 -0.14
CA SER A 95 3.36 -15.94 0.70
C SER A 95 2.81 -15.98 2.11
N TYR A 96 2.66 -17.17 2.67
CA TYR A 96 2.08 -17.26 4.00
C TYR A 96 3.06 -16.87 5.09
N SER A 97 4.34 -17.11 4.89
CA SER A 97 5.29 -16.87 5.96
C SER A 97 5.70 -15.42 6.07
N ILE A 98 5.62 -14.64 5.00
CA ILE A 98 6.01 -13.24 5.08
C ILE A 98 4.82 -12.34 5.39
N ASN A 99 3.59 -12.80 5.14
CA ASN A 99 2.44 -11.99 5.47
C ASN A 99 2.15 -11.98 6.97
N THR A 100 2.44 -13.08 7.67
CA THR A 100 2.05 -13.22 9.06
C THR A 100 3.20 -12.95 10.01
N GLU A 101 4.06 -11.98 9.71
CA GLU A 101 5.07 -11.58 10.67
C GLU A 101 4.43 -10.80 11.81
N LEU A 102 5.08 -10.84 12.98
CA LEU A 102 4.67 -9.98 14.08
C LEU A 102 5.08 -8.57 13.74
N SER A 103 4.10 -7.78 13.28
CA SER A 103 4.30 -6.37 13.00
C SER A 103 3.02 -5.65 13.37
N LEU A 104 3.10 -4.32 13.36
CA LEU A 104 1.97 -3.51 13.77
C LEU A 104 0.89 -3.47 12.71
N PHE A 105 1.21 -3.84 11.48
CA PHE A 105 0.27 -3.82 10.37
C PHE A 105 0.04 -5.21 9.80
N SER A 106 -0.10 -6.21 10.67
CA SER A 106 -0.32 -7.57 10.22
C SER A 106 -1.70 -7.77 9.61
N LYS A 107 -2.64 -6.86 9.88
CA LYS A 107 -3.99 -7.00 9.36
C LYS A 107 -4.18 -6.36 8.01
N VAL A 108 -3.16 -5.71 7.46
CA VAL A 108 -3.25 -5.11 6.13
C VAL A 108 -2.39 -5.85 5.13
N ASN A 109 -1.50 -6.74 5.58
CA ASN A 109 -0.59 -7.45 4.68
C ASN A 109 -1.33 -8.39 3.75
N GLY A 110 -1.02 -8.29 2.48
CA GLY A 110 -1.57 -9.20 1.50
C GLY A 110 -2.90 -8.78 0.91
N LYS A 111 -3.54 -7.75 1.45
CA LYS A 111 -4.93 -7.49 1.12
C LYS A 111 -5.10 -6.57 -0.06
N PHE A 112 -4.06 -6.38 -0.86
CA PHE A 112 -4.19 -5.75 -2.15
C PHE A 112 -3.64 -6.62 -3.26
N SER A 113 -3.21 -7.83 -2.94
CA SER A 113 -2.75 -8.76 -3.95
C SER A 113 -3.92 -9.23 -4.78
N THR A 114 -3.60 -9.81 -5.94
CA THR A 114 -4.63 -10.18 -6.90
C THR A 114 -5.46 -11.36 -6.42
N GLU A 115 -4.87 -12.22 -5.60
CA GLU A 115 -5.60 -13.38 -5.09
C GLU A 115 -6.64 -12.99 -4.06
N PHE A 116 -6.34 -11.98 -3.25
CA PHE A 116 -7.27 -11.59 -2.19
C PHE A 116 -8.48 -10.84 -2.73
N GLN A 117 -8.26 -9.93 -3.69
CA GLN A 117 -9.38 -9.17 -4.21
C GLN A 117 -10.33 -10.01 -5.06
N ARG A 118 -9.86 -11.15 -5.57
CA ARG A 118 -10.76 -12.13 -6.15
C ARG A 118 -11.52 -12.90 -5.07
N MET A 119 -10.84 -13.28 -4.00
CA MET A 119 -11.47 -14.07 -2.95
C MET A 119 -12.52 -13.27 -2.20
N LYS A 120 -12.24 -12.00 -1.90
CA LYS A 120 -13.15 -11.16 -1.15
C LYS A 120 -14.39 -10.84 -1.96
N THR A 121 -14.27 -10.73 -3.28
CA THR A 121 -15.41 -10.40 -4.11
C THR A 121 -16.38 -11.57 -4.22
N LEU A 122 -15.85 -12.79 -4.35
CA LEU A 122 -16.72 -13.96 -4.51
C LEU A 122 -17.40 -14.37 -3.21
N GLN A 123 -16.92 -13.91 -2.06
CA GLN A 123 -17.59 -14.24 -0.83
C GLN A 123 -18.67 -13.24 -0.45
N VAL A 124 -18.60 -12.01 -0.95
CA VAL A 124 -19.60 -11.02 -0.64
C VAL A 124 -20.68 -10.98 -1.70
N LYS A 125 -20.30 -11.01 -2.97
CA LYS A 125 -21.27 -10.91 -4.06
C LYS A 125 -22.07 -12.19 -4.26
N ASP A 126 -21.71 -13.28 -3.60
CA ASP A 126 -22.45 -14.52 -3.73
C ASP A 126 -22.86 -15.14 -2.40
N GLN A 127 -22.46 -14.54 -1.27
CA GLN A 127 -22.61 -15.10 0.08
C GLN A 127 -22.03 -16.50 0.15
N ALA A 128 -20.71 -16.57 0.01
CA ALA A 128 -20.01 -17.81 -0.21
C ALA A 128 -18.93 -18.04 0.84
N ILE A 129 -18.48 -19.29 0.93
CA ILE A 129 -17.29 -19.68 1.66
C ILE A 129 -16.36 -20.32 0.64
N THR A 130 -15.09 -20.44 0.98
CA THR A 130 -14.14 -21.00 0.03
C THR A 130 -13.41 -22.20 0.62
N THR A 131 -13.09 -23.16 -0.26
CA THR A 131 -12.40 -24.39 0.10
C THR A 131 -11.28 -24.59 -0.90
N ARG A 132 -10.04 -24.66 -0.43
CA ARG A 132 -8.93 -25.00 -1.29
C ARG A 132 -8.41 -26.40 -0.98
N VAL A 133 -7.84 -27.03 -2.00
CA VAL A 133 -7.21 -28.33 -1.88
C VAL A 133 -5.97 -28.29 -2.74
N GLN A 134 -4.86 -28.85 -2.24
CA GLN A 134 -3.59 -28.59 -2.90
C GLN A 134 -2.62 -29.74 -2.74
N VAL A 135 -1.67 -29.80 -3.66
CA VAL A 135 -0.59 -30.79 -3.70
C VAL A 135 0.70 -30.00 -3.71
N ARG A 136 1.48 -30.08 -2.64
CA ARG A 136 2.40 -28.98 -2.42
C ARG A 136 3.75 -29.10 -3.14
N ASN A 137 4.46 -30.23 -3.02
CA ASN A 137 5.73 -30.50 -3.69
C ASN A 137 6.81 -29.45 -3.40
N LEU A 138 7.26 -29.45 -2.15
CA LEU A 138 8.38 -28.60 -1.74
C LEU A 138 9.71 -29.29 -2.02
N VAL A 139 10.62 -28.60 -2.71
CA VAL A 139 11.85 -29.22 -3.22
C VAL A 139 13.07 -28.73 -2.46
N TYR A 140 13.36 -27.44 -2.50
CA TYR A 140 14.52 -26.89 -1.80
C TYR A 140 14.07 -25.87 -0.76
N THR A 141 15.05 -25.34 -0.05
CA THR A 141 14.89 -24.14 0.76
C THR A 141 16.13 -23.32 0.55
N VAL A 142 15.99 -22.17 -0.09
CA VAL A 142 17.10 -21.38 -0.58
C VAL A 142 17.21 -20.14 0.28
N LYS A 143 18.34 -19.97 0.98
CA LYS A 143 18.51 -18.90 1.95
C LYS A 143 19.74 -18.11 1.59
N ILE A 144 19.87 -16.92 2.17
CA ILE A 144 21.07 -16.12 1.98
C ILE A 144 21.95 -16.22 3.21
N ASN A 145 23.25 -16.07 3.01
CA ASN A 145 24.20 -16.05 4.10
C ASN A 145 24.06 -14.76 4.90
N PRO A 146 24.50 -14.74 6.17
CA PRO A 146 24.49 -13.48 6.91
C PRO A 146 25.53 -12.48 6.41
N THR A 147 26.67 -12.96 5.92
CA THR A 147 27.70 -12.08 5.37
C THR A 147 27.38 -11.85 3.91
N LEU A 148 26.85 -10.67 3.61
CA LEU A 148 26.34 -10.39 2.28
C LEU A 148 26.29 -8.88 2.11
N GLU A 149 26.53 -8.41 0.89
CA GLU A 149 26.62 -7.00 0.59
C GLU A 149 25.42 -6.55 -0.23
N LEU A 150 25.10 -5.27 -0.13
CA LEU A 150 24.02 -4.67 -0.88
C LEU A 150 24.37 -4.60 -2.36
N SER A 151 23.36 -4.31 -3.17
CA SER A 151 23.51 -4.37 -4.62
C SER A 151 24.23 -3.13 -5.12
N SER A 152 24.46 -3.08 -6.43
CA SER A 152 25.11 -1.91 -6.99
C SER A 152 24.13 -0.78 -7.22
N GLY A 153 22.88 -1.09 -7.51
CA GLY A 153 21.89 -0.07 -7.77
C GLY A 153 21.13 0.34 -6.54
N PHE A 154 21.04 -0.53 -5.56
CA PHE A 154 20.41 -0.18 -4.30
C PHE A 154 21.33 0.67 -3.44
N ARG A 155 22.63 0.49 -3.58
CA ARG A 155 23.59 1.31 -2.84
C ARG A 155 23.61 2.73 -3.38
N LYS A 156 23.45 2.90 -4.70
CA LYS A 156 23.46 4.21 -5.30
C LYS A 156 22.28 5.05 -4.86
N GLU A 157 21.11 4.42 -4.65
CA GLU A 157 19.95 5.18 -4.24
C GLU A 157 19.88 5.39 -2.73
N LEU A 158 20.79 4.81 -1.97
CA LEU A 158 20.99 5.21 -0.58
C LEU A 158 22.09 6.23 -0.42
N LEU A 159 22.96 6.38 -1.41
CA LEU A 159 23.92 7.47 -1.43
C LEU A 159 23.32 8.73 -2.04
N ASP A 160 22.05 8.70 -2.44
CA ASP A 160 21.31 9.89 -2.80
C ASP A 160 20.35 10.34 -1.73
N ILE A 161 19.82 9.43 -0.91
CA ILE A 161 19.04 9.87 0.23
C ILE A 161 19.95 10.49 1.27
N SER A 162 21.16 9.95 1.42
CA SER A 162 22.10 10.47 2.40
C SER A 162 22.84 11.71 1.93
N ASP A 163 22.70 12.10 0.67
CA ASP A 163 23.21 13.39 0.26
C ASP A 163 22.20 14.50 0.47
N ARG A 164 20.91 14.22 0.27
CA ARG A 164 19.92 15.26 0.51
C ARG A 164 19.73 15.51 1.98
N LEU A 165 20.03 14.54 2.83
CA LEU A 165 19.92 14.76 4.26
C LEU A 165 21.12 15.49 4.83
N GLU A 166 22.20 15.61 4.07
CA GLU A 166 23.36 16.36 4.52
C GLU A 166 23.59 17.62 3.71
N ASN A 167 22.83 17.87 2.66
CA ASN A 167 22.71 19.20 2.10
C ASN A 167 21.59 19.99 2.73
N ASN A 168 21.03 19.50 3.83
CA ASN A 168 19.81 20.01 4.47
C ASN A 168 18.69 20.17 3.45
N GLN A 169 18.43 19.12 2.71
CA GLN A 169 17.27 19.09 1.84
C GLN A 169 16.40 17.95 2.31
N THR A 170 15.62 18.23 3.34
CA THR A 170 14.42 17.46 3.61
C THR A 170 13.39 17.90 2.58
N ARG A 171 12.36 17.07 2.37
CA ARG A 171 11.27 17.13 1.41
C ARG A 171 11.76 16.73 0.02
N MET A 172 13.06 16.64 -0.21
CA MET A 172 13.59 15.91 -1.34
C MET A 172 14.15 14.56 -0.94
N ALA A 173 14.67 14.45 0.28
CA ALA A 173 15.05 13.13 0.80
C ALA A 173 13.85 12.31 1.18
N THR A 174 12.73 12.93 1.50
CA THR A 174 11.49 12.19 1.69
C THR A 174 10.91 11.72 0.37
N TYR A 175 11.07 12.52 -0.68
CA TYR A 175 10.57 12.11 -1.99
C TYR A 175 11.38 10.96 -2.57
N LEU A 176 12.68 10.90 -2.30
CA LEU A 176 13.47 9.80 -2.82
C LEU A 176 13.34 8.55 -1.97
N ALA A 177 12.90 8.67 -0.72
CA ALA A 177 12.65 7.49 0.08
C ALA A 177 11.29 6.88 -0.17
N GLU A 178 10.42 7.58 -0.90
CA GLU A 178 9.15 7.03 -1.33
C GLU A 178 9.19 6.53 -2.75
N LEU A 179 10.23 6.86 -3.50
CA LEU A 179 10.53 6.12 -4.71
C LEU A 179 11.39 4.90 -4.43
N LEU A 180 12.07 4.87 -3.30
CA LEU A 180 12.80 3.66 -2.93
C LEU A 180 11.84 2.54 -2.57
N VAL A 181 10.71 2.86 -1.95
CA VAL A 181 9.70 1.86 -1.63
C VAL A 181 8.91 1.49 -2.87
N LEU A 182 8.75 2.41 -3.80
CA LEU A 182 8.09 2.11 -5.07
C LEU A 182 8.88 1.11 -5.89
N ASN A 183 10.20 1.17 -5.84
CA ASN A 183 11.02 0.28 -6.65
C ASN A 183 11.46 -0.97 -5.92
N TYR A 184 11.54 -0.96 -4.59
CA TYR A 184 12.12 -2.07 -3.84
C TYR A 184 11.19 -2.62 -2.77
N GLY A 185 9.95 -2.16 -2.72
CA GLY A 185 9.00 -2.73 -1.81
C GLY A 185 9.25 -2.37 -0.37
N THR A 186 8.58 -3.11 0.50
CA THR A 186 8.66 -2.89 1.93
C THR A 186 9.53 -3.92 2.63
N HIS A 187 10.00 -4.94 1.94
CA HIS A 187 10.72 -6.04 2.57
C HIS A 187 11.85 -6.51 1.68
N VAL A 188 12.60 -7.48 2.18
CA VAL A 188 13.66 -8.19 1.45
C VAL A 188 13.51 -9.65 1.77
N THR A 189 13.31 -10.49 0.77
CA THR A 189 13.14 -11.91 1.03
C THR A 189 14.47 -12.53 1.41
N THR A 190 14.49 -13.21 2.54
CA THR A 190 15.71 -13.85 3.02
C THR A 190 15.70 -15.36 2.87
N SER A 191 14.56 -15.97 2.58
CA SER A 191 14.52 -17.39 2.30
C SER A 191 13.30 -17.66 1.43
N VAL A 192 13.49 -18.37 0.33
CA VAL A 192 12.39 -18.76 -0.52
C VAL A 192 12.28 -20.27 -0.49
N ASP A 193 11.33 -20.82 -1.23
CA ASP A 193 11.10 -22.26 -1.26
C ASP A 193 10.77 -22.66 -2.69
N ALA A 194 11.75 -23.18 -3.40
CA ALA A 194 11.53 -23.62 -4.76
C ALA A 194 10.68 -24.88 -4.76
N GLY A 195 9.56 -24.82 -5.47
CA GLY A 195 8.64 -25.93 -5.47
C GLY A 195 7.56 -25.68 -6.49
N ALA A 196 6.43 -26.39 -6.35
CA ALA A 196 5.38 -26.31 -7.34
C ALA A 196 4.09 -26.84 -6.75
N ALA A 197 3.12 -25.97 -6.52
CA ALA A 197 1.84 -26.37 -5.97
C ALA A 197 0.81 -26.60 -7.07
N LEU A 198 -0.37 -27.07 -6.67
CA LEU A 198 -1.49 -27.29 -7.60
C LEU A 198 -2.78 -27.13 -6.82
N ILE A 199 -3.43 -25.97 -6.95
CA ILE A 199 -4.49 -25.56 -6.04
C ILE A 199 -5.81 -25.53 -6.79
N GLN A 200 -6.89 -25.98 -6.14
CA GLN A 200 -8.25 -25.79 -6.63
C GLN A 200 -9.07 -25.04 -5.60
N GLU A 201 -9.61 -23.89 -5.97
CA GLU A 201 -10.52 -23.14 -5.11
C GLU A 201 -11.95 -23.30 -5.57
N ASP A 202 -12.83 -23.70 -4.67
CA ASP A 202 -14.25 -23.73 -4.91
C ASP A 202 -14.94 -22.70 -4.01
N HIS A 203 -16.00 -22.09 -4.52
CA HIS A 203 -16.80 -21.17 -3.73
C HIS A 203 -18.19 -21.77 -3.57
N LEU A 204 -18.38 -22.50 -2.49
CA LEU A 204 -19.68 -23.06 -2.15
C LEU A 204 -20.59 -22.00 -1.59
N ARG A 205 -21.88 -22.28 -1.61
CA ARG A 205 -22.86 -21.39 -0.99
C ARG A 205 -22.81 -21.55 0.52
N ALA A 206 -22.97 -20.44 1.23
CA ALA A 206 -22.76 -20.45 2.68
C ALA A 206 -23.84 -21.17 3.45
N SER A 207 -25.03 -21.34 2.86
CA SER A 207 -26.09 -22.07 3.51
C SER A 207 -25.92 -23.58 3.42
N PHE A 208 -25.03 -24.06 2.55
CA PHE A 208 -24.78 -25.48 2.40
C PHE A 208 -23.94 -26.06 3.52
N LEU A 209 -23.21 -25.23 4.25
CA LEU A 209 -22.38 -25.72 5.35
C LEU A 209 -23.13 -25.71 6.68
N GLN A 210 -24.11 -24.83 6.84
CA GLN A 210 -24.77 -24.63 8.13
C GLN A 210 -25.59 -25.82 8.55
N ASP A 211 -26.19 -26.55 7.60
CA ASP A 211 -26.97 -27.73 7.95
C ASP A 211 -26.14 -29.00 8.06
N SER A 212 -24.98 -29.04 7.41
CA SER A 212 -24.12 -30.22 7.45
C SER A 212 -23.01 -30.03 8.50
N GLN A 213 -23.44 -29.89 9.76
CA GLN A 213 -22.48 -29.73 10.85
C GLN A 213 -21.81 -31.06 11.19
N SER A 214 -22.56 -32.16 11.11
CA SER A 214 -21.98 -33.47 11.35
C SER A 214 -21.23 -33.97 10.12
N SER A 215 -21.81 -33.82 8.94
CA SER A 215 -21.20 -34.26 7.70
C SER A 215 -20.37 -33.18 7.02
N ARG A 216 -19.82 -32.24 7.80
CA ARG A 216 -18.81 -31.33 7.29
C ARG A 216 -17.54 -32.08 6.90
N SER A 217 -17.28 -33.21 7.53
CA SER A 217 -16.21 -34.11 7.12
C SER A 217 -16.53 -34.87 5.84
N ALA A 218 -17.77 -34.80 5.34
CA ALA A 218 -18.12 -35.38 4.06
C ALA A 218 -18.26 -34.35 2.96
N VAL A 219 -18.46 -33.08 3.30
CA VAL A 219 -18.39 -32.02 2.30
C VAL A 219 -16.97 -31.87 1.79
N THR A 220 -16.00 -31.87 2.70
CA THR A 220 -14.61 -31.73 2.30
C THR A 220 -14.05 -33.00 1.67
N ALA A 221 -14.62 -34.16 2.02
CA ALA A 221 -14.12 -35.41 1.47
C ALA A 221 -14.49 -35.57 0.00
N SER A 222 -15.58 -34.95 -0.41
CA SER A 222 -15.93 -34.91 -1.83
C SER A 222 -15.29 -33.76 -2.57
N ALA A 223 -14.92 -32.69 -1.85
CA ALA A 223 -14.16 -31.61 -2.49
C ALA A 223 -12.74 -32.05 -2.83
N GLY A 224 -12.17 -32.93 -2.02
CA GLY A 224 -10.86 -33.47 -2.32
C GLY A 224 -10.87 -34.63 -3.27
N LEU A 225 -12.03 -35.20 -3.54
CA LEU A 225 -12.15 -36.24 -4.54
C LEU A 225 -12.55 -35.68 -5.90
N ALA A 226 -13.27 -34.56 -5.92
CA ALA A 226 -13.52 -33.86 -7.16
C ALA A 226 -12.23 -33.26 -7.73
N PHE A 227 -11.25 -32.99 -6.88
CA PHE A 227 -9.95 -32.53 -7.35
C PHE A 227 -9.21 -33.61 -8.10
N GLN A 228 -9.22 -34.83 -7.56
CA GLN A 228 -8.45 -35.90 -8.20
C GLN A 228 -9.14 -36.46 -9.42
N ASN A 229 -10.46 -36.34 -9.53
CA ASN A 229 -11.11 -36.76 -10.76
C ASN A 229 -10.96 -35.72 -11.86
N THR A 230 -10.81 -34.45 -11.50
CA THR A 230 -10.56 -33.41 -12.49
C THR A 230 -9.16 -33.55 -13.08
N VAL A 231 -8.17 -33.83 -12.24
CA VAL A 231 -6.80 -33.89 -12.75
C VAL A 231 -6.54 -35.22 -13.46
N ASN A 232 -6.95 -36.36 -12.88
CA ASN A 232 -6.61 -37.65 -13.48
C ASN A 232 -7.41 -37.95 -14.72
N PHE A 233 -8.74 -37.98 -14.60
CA PHE A 233 -9.57 -38.24 -15.77
C PHE A 233 -9.62 -37.01 -16.66
N LYS A 234 -9.98 -37.25 -17.92
CA LYS A 234 -9.96 -36.21 -18.95
C LYS A 234 -11.15 -35.28 -18.78
N PHE A 235 -11.41 -34.45 -19.79
CA PHE A 235 -12.55 -33.55 -19.73
C PHE A 235 -13.87 -34.31 -19.80
N GLU A 236 -13.87 -35.46 -20.44
CA GLU A 236 -15.06 -36.31 -20.48
C GLU A 236 -15.33 -36.88 -19.09
N GLU A 237 -16.58 -36.75 -18.63
CA GLU A 237 -16.96 -37.15 -17.28
C GLU A 237 -17.01 -38.66 -17.18
N ASN A 238 -15.91 -39.25 -16.75
CA ASN A 238 -15.81 -40.66 -16.39
C ASN A 238 -15.52 -40.80 -14.91
N TYR A 239 -16.18 -39.97 -14.10
CA TYR A 239 -15.80 -39.77 -12.71
C TYR A 239 -16.27 -40.94 -11.84
N THR A 240 -15.71 -41.00 -10.63
CA THR A 240 -16.11 -41.97 -9.62
C THR A 240 -16.66 -41.32 -8.35
N SER A 241 -16.95 -40.02 -8.38
CA SER A 241 -17.40 -39.30 -7.19
C SER A 241 -18.91 -39.10 -7.13
N GLN A 242 -19.60 -39.19 -8.26
CA GLN A 242 -21.04 -38.93 -8.32
C GLN A 242 -21.82 -40.11 -7.74
N ASN A 243 -21.95 -40.13 -6.41
CA ASN A 243 -22.67 -41.22 -5.76
C ASN A 243 -23.92 -40.77 -5.02
N VAL A 244 -23.83 -39.88 -4.04
CA VAL A 244 -25.01 -39.45 -3.28
C VAL A 244 -25.08 -37.93 -3.24
N LEU A 245 -24.04 -37.31 -2.69
CA LEU A 245 -24.07 -35.90 -2.33
C LEU A 245 -23.37 -35.00 -3.32
N THR A 246 -22.73 -35.57 -4.35
CA THR A 246 -22.11 -34.74 -5.38
C THR A 246 -23.09 -34.49 -6.52
N LYS A 247 -24.31 -34.16 -6.13
CA LYS A 247 -25.35 -33.64 -7.01
C LYS A 247 -25.99 -32.37 -6.45
N SER A 248 -25.99 -32.18 -5.13
CA SER A 248 -26.22 -30.88 -4.54
C SER A 248 -24.94 -30.06 -4.51
N TYR A 249 -23.81 -30.72 -4.23
CA TYR A 249 -22.50 -30.06 -4.20
C TYR A 249 -22.15 -29.42 -5.53
N LEU A 250 -22.55 -30.03 -6.64
CA LEU A 250 -22.34 -29.39 -7.93
C LEU A 250 -23.27 -28.21 -8.13
N SER A 251 -24.41 -28.22 -7.46
CA SER A 251 -25.38 -27.14 -7.64
C SER A 251 -25.24 -26.05 -6.60
N ASN A 252 -24.70 -26.37 -5.41
CA ASN A 252 -24.49 -25.33 -4.41
C ASN A 252 -23.23 -24.52 -4.67
N ARG A 253 -22.31 -25.01 -5.50
CA ARG A 253 -21.09 -24.26 -5.76
C ARG A 253 -21.42 -23.10 -6.69
N THR A 254 -20.65 -22.03 -6.55
CA THR A 254 -20.86 -20.82 -7.34
C THR A 254 -19.68 -20.50 -8.23
N ASN A 255 -18.48 -20.94 -7.90
CA ASN A 255 -17.30 -20.65 -8.70
C ASN A 255 -16.29 -21.76 -8.48
N SER A 256 -15.47 -22.00 -9.50
CA SER A 256 -14.46 -23.03 -9.41
C SER A 256 -13.32 -22.71 -10.36
N ARG A 257 -12.09 -22.87 -9.90
CA ARG A 257 -10.95 -22.77 -10.78
C ARG A 257 -9.85 -23.65 -10.24
N VAL A 258 -8.92 -24.01 -11.11
CA VAL A 258 -7.75 -24.80 -10.78
C VAL A 258 -6.53 -24.06 -11.30
N GLN A 259 -5.58 -23.75 -10.42
CA GLN A 259 -4.34 -23.14 -10.86
C GLN A 259 -3.15 -24.01 -10.51
N SER A 260 -2.09 -23.84 -11.29
CA SER A 260 -0.79 -24.43 -11.01
C SER A 260 0.23 -23.32 -10.96
N ILE A 261 1.20 -23.45 -10.07
CA ILE A 261 2.16 -22.41 -9.83
C ILE A 261 3.53 -22.73 -10.42
N GLY A 262 3.97 -23.97 -10.30
CA GLY A 262 5.19 -24.35 -10.98
C GLY A 262 4.94 -25.41 -12.02
N GLY A 263 5.99 -26.00 -12.55
CA GLY A 263 5.83 -27.17 -13.39
C GLY A 263 5.31 -26.86 -14.77
N VAL A 264 4.81 -27.90 -15.43
CA VAL A 264 4.23 -27.79 -16.77
C VAL A 264 2.86 -27.14 -16.61
N PRO A 265 2.33 -26.47 -17.63
CA PRO A 265 1.01 -25.85 -17.49
C PRO A 265 -0.09 -26.88 -17.37
N PHE A 266 -0.98 -26.66 -16.41
CA PHE A 266 -2.06 -27.61 -16.13
C PHE A 266 -3.08 -27.60 -17.26
N TYR A 267 -3.54 -28.79 -17.63
CA TYR A 267 -4.65 -28.93 -18.55
C TYR A 267 -5.52 -30.07 -18.08
N PRO A 268 -6.86 -29.90 -18.10
CA PRO A 268 -7.74 -30.85 -17.42
C PRO A 268 -7.73 -32.24 -18.01
N GLY A 269 -7.17 -33.15 -17.24
CA GLY A 269 -6.84 -34.49 -17.65
C GLY A 269 -5.36 -34.56 -17.93
N ILE A 270 -4.60 -34.87 -16.89
CA ILE A 270 -3.16 -35.07 -16.93
C ILE A 270 -2.86 -35.86 -15.67
N THR A 271 -2.20 -36.99 -15.80
CA THR A 271 -2.06 -37.85 -14.65
C THR A 271 -1.10 -37.21 -13.65
N LEU A 272 -1.39 -37.39 -12.37
CA LEU A 272 -0.60 -36.76 -11.31
C LEU A 272 0.82 -37.30 -11.29
N GLN A 273 1.04 -38.50 -11.84
CA GLN A 273 2.37 -38.93 -12.24
C GLN A 273 3.00 -37.96 -13.22
N ALA A 274 2.29 -37.63 -14.30
CA ALA A 274 2.88 -36.86 -15.38
C ALA A 274 3.06 -35.40 -15.03
N TRP A 275 2.33 -34.90 -14.04
CA TRP A 275 2.53 -33.53 -13.60
C TRP A 275 3.80 -33.40 -12.77
N GLN A 276 4.09 -34.39 -11.93
CA GLN A 276 5.22 -34.32 -11.01
C GLN A 276 6.55 -34.64 -11.68
N GLN A 277 6.56 -35.00 -12.95
CA GLN A 277 7.83 -35.17 -13.65
C GLN A 277 8.26 -33.92 -14.38
N GLY A 278 7.43 -32.89 -14.40
CA GLY A 278 7.78 -31.60 -14.94
C GLY A 278 8.17 -30.57 -13.91
N ILE A 279 8.22 -30.93 -12.63
CA ILE A 279 8.66 -30.00 -11.58
C ILE A 279 10.13 -29.69 -11.75
N THR A 280 10.92 -30.63 -12.27
CA THR A 280 12.32 -30.39 -12.56
C THR A 280 12.45 -29.34 -13.64
N ASN A 281 13.34 -28.37 -13.41
CA ASN A 281 13.71 -27.22 -14.24
C ASN A 281 12.63 -26.14 -14.33
N HIS A 282 11.46 -26.34 -13.72
CA HIS A 282 10.41 -25.32 -13.61
C HIS A 282 10.10 -25.15 -12.13
N LEU A 283 10.87 -24.35 -11.42
CA LEU A 283 10.64 -24.15 -10.01
C LEU A 283 10.27 -22.70 -9.75
N VAL A 284 9.35 -22.49 -8.82
CA VAL A 284 8.95 -21.16 -8.38
C VAL A 284 8.86 -21.16 -6.86
N ALA A 285 8.78 -19.98 -6.29
CA ALA A 285 8.72 -19.83 -4.84
C ALA A 285 7.31 -20.08 -4.39
N ILE A 286 7.06 -21.22 -3.76
CA ILE A 286 5.75 -21.53 -3.23
C ILE A 286 5.61 -21.10 -1.78
N ASP A 287 6.62 -20.47 -1.21
CA ASP A 287 6.59 -19.83 0.10
C ASP A 287 7.81 -18.95 0.18
N ARG A 288 7.72 -17.90 0.98
CA ARG A 288 8.91 -17.08 1.22
C ARG A 288 8.81 -16.44 2.59
N SER A 289 9.95 -16.18 3.18
CA SER A 289 10.07 -15.43 4.41
C SER A 289 10.94 -14.21 4.16
N GLY A 290 10.93 -13.28 5.09
CA GLY A 290 11.68 -12.06 4.86
C GLY A 290 11.82 -11.24 6.11
N LEU A 291 12.42 -10.07 5.94
CA LEU A 291 12.68 -9.08 6.97
C LEU A 291 12.28 -7.73 6.42
N PRO A 292 12.10 -6.71 7.26
CA PRO A 292 11.78 -5.38 6.74
C PRO A 292 12.93 -4.75 5.98
N LEU A 293 12.60 -3.67 5.30
CA LEU A 293 13.56 -3.06 4.39
C LEU A 293 14.59 -2.24 5.14
N HIS A 294 14.20 -1.59 6.24
CA HIS A 294 15.12 -0.76 7.00
C HIS A 294 16.03 -1.56 7.91
N PHE A 295 15.88 -2.88 7.96
CA PHE A 295 16.83 -3.72 8.68
C PHE A 295 18.17 -3.79 7.97
N PHE A 296 18.19 -3.54 6.66
CA PHE A 296 19.40 -3.63 5.85
C PHE A 296 20.01 -2.28 5.57
N ILE A 297 19.62 -1.25 6.28
CA ILE A 297 20.28 0.04 6.23
C ILE A 297 20.89 0.23 7.60
N ASN A 298 22.18 -0.06 7.71
CA ASN A 298 22.90 -0.12 8.97
C ASN A 298 24.38 -0.03 8.66
N PRO A 299 25.22 0.40 9.63
CA PRO A 299 26.60 0.77 9.28
C PRO A 299 27.49 -0.34 8.76
N ASN A 300 27.11 -1.61 8.84
CA ASN A 300 27.96 -2.66 8.29
C ASN A 300 27.55 -3.09 6.88
N MET A 301 26.41 -2.64 6.38
CA MET A 301 26.11 -2.81 4.95
C MET A 301 26.57 -1.64 4.12
N LEU A 302 26.67 -0.46 4.71
CA LEU A 302 27.16 0.76 4.06
C LEU A 302 28.42 1.18 4.80
N PRO A 303 29.60 0.71 4.38
CA PRO A 303 30.80 0.97 5.17
C PRO A 303 31.34 2.38 5.06
N ASP A 304 31.25 3.00 3.89
CA ASP A 304 31.95 4.26 3.68
C ASP A 304 31.22 5.47 4.25
N LEU A 305 29.91 5.39 4.43
CA LEU A 305 29.17 6.47 5.06
C LEU A 305 29.49 6.54 6.55
N PRO A 306 29.28 7.69 7.19
CA PRO A 306 29.49 7.78 8.64
C PRO A 306 28.48 6.95 9.42
N GLY A 307 28.77 6.82 10.71
CA GLY A 307 27.99 6.02 11.61
C GLY A 307 26.58 6.51 11.83
N PRO A 308 26.40 7.68 12.45
CA PRO A 308 25.06 8.17 12.73
C PRO A 308 24.33 8.73 11.53
N LEU A 309 24.94 8.76 10.36
CA LEU A 309 24.26 9.28 9.18
C LEU A 309 23.45 8.20 8.47
N VAL A 310 23.84 6.93 8.61
CA VAL A 310 23.02 5.85 8.09
C VAL A 310 21.97 5.36 9.06
N LYS A 311 21.96 5.85 10.29
CA LYS A 311 20.83 5.64 11.16
C LYS A 311 19.76 6.68 10.96
N LYS A 312 20.06 7.71 10.17
CA LYS A 312 19.08 8.71 9.77
C LYS A 312 18.51 8.42 8.40
N VAL A 313 19.26 7.71 7.55
CA VAL A 313 18.72 7.16 6.32
C VAL A 313 17.72 6.06 6.64
N SER A 314 18.04 5.24 7.64
CA SER A 314 17.19 4.12 8.01
C SER A 314 15.87 4.57 8.63
N LYS A 315 15.80 5.77 9.15
CA LYS A 315 14.56 6.30 9.70
C LYS A 315 13.72 6.98 8.63
N THR A 316 14.36 7.56 7.62
CA THR A 316 13.63 8.16 6.51
C THR A 316 12.99 7.08 5.62
N VAL A 317 13.65 5.94 5.47
CA VAL A 317 13.07 4.83 4.72
C VAL A 317 12.05 4.08 5.57
N GLU A 318 12.24 4.03 6.89
CA GLU A 318 11.24 3.41 7.77
C GLU A 318 9.96 4.22 7.80
N THR A 319 10.06 5.55 7.71
CA THR A 319 8.87 6.39 7.78
C THR A 319 8.05 6.26 6.50
N ALA A 320 8.71 6.07 5.37
CA ALA A 320 7.99 5.94 4.11
C ALA A 320 7.32 4.58 3.94
N VAL A 321 7.73 3.58 4.71
CA VAL A 321 7.03 2.30 4.71
C VAL A 321 5.81 2.38 5.60
N LYS A 322 5.92 3.03 6.76
CA LYS A 322 4.77 3.18 7.64
C LYS A 322 3.74 4.15 7.10
N ARG A 323 4.11 5.01 6.16
CA ARG A 323 3.15 5.90 5.53
C ARG A 323 2.41 5.20 4.40
N TYR A 324 2.97 4.13 3.86
CA TYR A 324 2.36 3.31 2.84
C TYR A 324 1.43 2.25 3.41
N TYR A 325 1.51 1.98 4.71
CA TYR A 325 0.54 1.15 5.40
C TYR A 325 -0.52 1.96 6.13
N THR A 326 -0.24 3.21 6.46
CA THR A 326 -1.25 4.06 7.07
C THR A 326 -2.23 4.54 6.02
N PHE A 327 -1.72 4.96 4.87
CA PHE A 327 -2.55 5.01 3.68
C PHE A 327 -2.75 3.56 3.26
N ASN A 328 -3.76 3.30 2.43
CA ASN A 328 -4.24 1.94 2.10
C ASN A 328 -4.71 1.18 3.33
N THR A 329 -5.30 1.88 4.30
CA THR A 329 -5.96 1.24 5.44
C THR A 329 -7.36 1.81 5.53
N TYR A 330 -8.36 0.96 5.41
CA TYR A 330 -9.75 1.39 5.32
C TYR A 330 -10.52 0.77 6.48
N PRO A 331 -10.78 1.50 7.55
CA PRO A 331 -11.58 0.94 8.63
C PRO A 331 -13.06 1.08 8.36
N GLY A 332 -13.81 0.06 8.75
CA GLY A 332 -15.26 0.10 8.56
C GLY A 332 -15.87 -1.16 9.13
N CYS A 333 -17.19 -1.25 8.98
CA CYS A 333 -17.91 -2.42 9.45
C CYS A 333 -17.68 -3.57 8.48
N THR A 334 -17.12 -4.66 9.00
CA THR A 334 -16.70 -5.80 8.21
C THR A 334 -17.70 -6.95 8.26
N ASP A 335 -18.49 -7.02 9.33
CA ASP A 335 -19.48 -8.10 9.49
C ASP A 335 -20.52 -8.03 8.39
N LEU A 336 -20.73 -9.17 7.73
CA LEU A 336 -21.39 -9.17 6.45
C LEU A 336 -22.89 -9.24 6.57
N ASN A 337 -23.40 -9.87 7.63
CA ASN A 337 -24.84 -9.99 7.80
C ASN A 337 -25.47 -8.73 8.36
N SER A 338 -24.66 -7.84 8.95
CA SER A 338 -25.19 -6.61 9.51
C SER A 338 -25.54 -5.64 8.40
N PRO A 339 -26.39 -4.64 8.69
CA PRO A 339 -26.43 -3.45 7.83
C PRO A 339 -25.22 -2.59 8.12
N ASN A 340 -25.06 -1.50 7.35
CA ASN A 340 -23.89 -0.63 7.35
C ASN A 340 -22.60 -1.40 7.01
N PHE A 341 -22.72 -2.50 6.27
CA PHE A 341 -21.57 -3.27 5.84
C PHE A 341 -20.78 -2.51 4.79
N ASN A 342 -19.54 -2.14 5.13
CA ASN A 342 -18.68 -1.41 4.21
C ASN A 342 -17.84 -2.42 3.44
N PHE A 343 -17.96 -2.40 2.12
CA PHE A 343 -17.32 -3.39 1.28
C PHE A 343 -15.85 -3.07 1.06
N GLN A 344 -15.48 -1.80 1.03
CA GLN A 344 -14.11 -1.41 0.79
C GLN A 344 -13.22 -1.53 2.02
N ALA A 345 -13.79 -1.82 3.18
CA ALA A 345 -13.02 -1.86 4.41
C ALA A 345 -12.20 -3.13 4.49
N ASN A 346 -10.95 -3.00 4.93
CA ASN A 346 -10.08 -4.15 5.12
C ASN A 346 -9.51 -4.23 6.53
N THR A 347 -10.13 -3.54 7.49
CA THR A 347 -9.80 -3.67 8.89
C THR A 347 -11.06 -3.38 9.68
N ASP A 348 -11.40 -4.25 10.63
CA ASP A 348 -12.61 -4.04 11.41
C ASP A 348 -12.41 -2.90 12.39
N ASP A 349 -13.45 -2.09 12.56
CA ASP A 349 -13.36 -0.88 13.37
C ASP A 349 -14.19 -0.95 14.63
N GLY A 350 -15.13 -1.88 14.73
CA GLY A 350 -16.09 -1.84 15.80
C GLY A 350 -17.20 -0.83 15.57
N SER A 351 -17.29 -0.29 14.36
CA SER A 351 -18.30 0.69 13.99
C SER A 351 -19.59 0.05 13.51
N CYS A 352 -19.76 -1.25 13.70
CA CYS A 352 -21.00 -1.90 13.37
C CYS A 352 -22.04 -1.59 14.44
N GLU A 353 -23.30 -2.00 14.16
CA GLU A 353 -24.48 -1.95 15.05
C GLU A 353 -24.67 -0.61 15.76
N GLY A 354 -24.25 0.48 15.13
CA GLY A 354 -24.41 1.81 15.69
C GLY A 354 -25.61 2.52 15.11
N LYS A 355 -26.26 3.34 15.92
CA LYS A 355 -27.33 4.20 15.45
C LYS A 355 -26.77 5.44 14.79
N MET A 356 -27.53 5.99 13.85
CA MET A 356 -27.10 7.19 13.14
C MET A 356 -27.93 8.38 13.57
N THR A 357 -27.33 9.56 13.47
CA THR A 357 -28.00 10.82 13.72
C THR A 357 -27.77 11.70 12.50
N ASN A 358 -28.85 12.27 11.95
CA ASN A 358 -28.70 13.12 10.78
C ASN A 358 -28.10 14.47 11.18
N PHE A 359 -26.93 14.78 10.61
CA PHE A 359 -26.24 16.03 10.87
C PHE A 359 -26.43 16.97 9.69
N SER A 360 -26.39 18.26 9.97
CA SER A 360 -26.46 19.28 8.94
C SER A 360 -25.17 20.09 8.98
N PHE A 361 -24.63 20.40 7.81
CA PHE A 361 -23.36 21.12 7.76
C PHE A 361 -23.55 22.44 7.04
N GLY A 362 -22.79 23.45 7.50
CA GLY A 362 -22.98 24.78 6.99
C GLY A 362 -22.42 24.96 5.59
N GLY A 363 -21.16 24.61 5.42
CA GLY A 363 -20.50 24.74 4.13
C GLY A 363 -19.04 25.08 4.34
N VAL A 364 -18.26 24.84 3.32
CA VAL A 364 -16.81 25.02 3.42
C VAL A 364 -16.43 26.35 2.81
N TYR A 365 -15.34 26.92 3.33
CA TYR A 365 -14.76 28.12 2.75
C TYR A 365 -13.26 28.04 2.89
N GLN A 366 -12.57 28.99 2.28
CA GLN A 366 -11.12 28.89 2.17
C GLN A 366 -10.55 30.26 1.85
N GLU A 367 -9.42 30.58 2.45
CA GLU A 367 -8.76 31.86 2.24
C GLU A 367 -7.31 31.65 1.85
N CYS A 368 -6.77 32.57 1.07
CA CYS A 368 -5.38 32.56 0.63
C CYS A 368 -4.68 33.84 1.06
N THR A 369 -3.34 33.81 1.01
CA THR A 369 -2.55 34.84 1.67
C THR A 369 -1.52 35.46 0.72
N GLN A 370 -1.03 34.67 -0.24
CA GLN A 370 -0.13 35.11 -1.31
C GLN A 370 1.17 35.67 -0.72
N LEU A 371 1.97 34.73 -0.22
CA LEU A 371 3.15 35.04 0.57
C LEU A 371 4.22 35.77 -0.25
N SER A 372 4.69 35.16 -1.34
CA SER A 372 5.91 35.63 -1.99
C SER A 372 5.68 36.27 -3.35
N GLY A 373 5.29 35.50 -4.36
CA GLY A 373 5.29 36.00 -5.72
C GLY A 373 4.06 36.83 -6.08
N ASN A 374 4.04 38.09 -5.64
CA ASN A 374 2.88 38.94 -5.85
C ASN A 374 2.74 39.41 -7.30
N ARG A 375 3.79 39.30 -8.11
CA ARG A 375 3.74 39.70 -9.50
C ARG A 375 3.91 38.48 -10.40
N ASP A 376 3.28 38.55 -11.57
CA ASP A 376 3.37 37.65 -12.72
C ASP A 376 2.69 36.30 -12.49
N VAL A 377 2.34 35.99 -11.25
CA VAL A 377 1.57 34.80 -10.88
C VAL A 377 0.64 35.21 -9.75
N LEU A 378 -0.66 35.05 -9.97
CA LEU A 378 -1.66 35.46 -8.99
C LEU A 378 -2.37 34.19 -8.53
N LEU A 379 -1.85 33.59 -7.45
CA LEU A 379 -2.34 32.34 -6.91
C LEU A 379 -3.56 32.50 -6.04
N CYS A 380 -3.88 33.70 -5.56
CA CYS A 380 -4.98 33.86 -4.63
C CYS A 380 -6.32 33.98 -5.35
N GLN A 381 -6.35 33.71 -6.66
CA GLN A 381 -7.60 33.59 -7.38
C GLN A 381 -8.07 32.15 -7.40
N LYS A 382 -7.16 31.21 -7.68
CA LYS A 382 -7.52 29.80 -7.78
C LYS A 382 -7.76 29.17 -6.42
N LEU A 383 -7.08 29.66 -5.38
CA LEU A 383 -7.16 29.04 -4.07
C LEU A 383 -8.28 29.58 -3.20
N GLU A 384 -8.95 30.65 -3.62
CA GLU A 384 -9.92 31.31 -2.77
C GLU A 384 -11.32 30.78 -3.02
N GLN A 385 -12.10 30.61 -1.96
CA GLN A 385 -13.47 30.12 -2.09
C GLN A 385 -14.31 30.61 -0.92
N LYS A 386 -15.50 31.10 -1.24
CA LYS A 386 -16.45 31.62 -0.27
C LYS A 386 -17.52 30.57 0.02
N ASN A 387 -18.35 30.85 1.02
CA ASN A 387 -19.52 30.02 1.24
C ASN A 387 -20.59 30.34 0.20
N PRO A 388 -21.37 29.33 -0.20
CA PRO A 388 -22.49 29.61 -1.11
C PRO A 388 -23.68 30.23 -0.43
N LEU A 389 -23.74 30.20 0.90
CA LEU A 389 -24.93 30.61 1.62
C LEU A 389 -24.71 31.79 2.55
N THR A 390 -23.48 32.26 2.70
CA THR A 390 -23.19 33.37 3.60
C THR A 390 -22.68 34.60 2.87
N GLY A 391 -21.73 34.45 1.97
CA GLY A 391 -21.01 35.61 1.48
C GLY A 391 -19.54 35.51 1.78
N ASP A 392 -19.05 36.27 2.75
CA ASP A 392 -17.61 36.36 2.99
C ASP A 392 -17.10 35.12 3.73
N PHE A 393 -15.89 35.22 4.27
CA PHE A 393 -15.16 34.09 4.82
C PHE A 393 -15.63 33.81 6.25
N SER A 394 -16.84 33.27 6.35
CA SER A 394 -17.42 33.00 7.66
C SER A 394 -18.50 31.94 7.52
N CYS A 395 -18.70 31.21 8.61
CA CYS A 395 -19.84 30.32 8.73
C CYS A 395 -21.13 31.14 8.84
N PRO A 396 -22.28 30.55 8.50
CA PRO A 396 -23.55 31.26 8.73
C PRO A 396 -23.95 31.35 10.19
N SER A 397 -25.19 31.77 10.44
CA SER A 397 -25.56 32.38 11.72
C SER A 397 -25.58 31.37 12.87
N GLY A 398 -25.92 30.12 12.61
CA GLY A 398 -26.05 29.18 13.70
C GLY A 398 -24.99 28.10 13.77
N TYR A 399 -23.80 28.39 13.27
CA TYR A 399 -22.75 27.40 13.09
C TYR A 399 -21.45 27.88 13.73
N SER A 400 -20.37 27.12 13.50
CA SER A 400 -19.07 27.43 14.08
C SER A 400 -17.98 26.81 13.22
N PRO A 401 -16.86 27.50 13.01
CA PRO A 401 -15.80 26.97 12.13
C PRO A 401 -14.75 26.15 12.86
N VAL A 402 -14.17 25.20 12.12
CA VAL A 402 -13.02 24.41 12.55
C VAL A 402 -12.03 24.32 11.40
N HIS A 403 -10.78 24.01 11.74
CA HIS A 403 -9.64 24.45 10.93
C HIS A 403 -9.35 23.55 9.74
N LEU A 404 -9.17 22.25 10.01
CA LEU A 404 -9.08 21.11 9.10
C LEU A 404 -7.80 20.97 8.27
N LEU A 405 -7.08 22.06 7.97
CA LEU A 405 -5.80 22.03 7.24
C LEU A 405 -5.26 23.44 7.04
N SER A 406 -3.95 23.59 6.92
CA SER A 406 -3.31 24.84 6.54
C SER A 406 -1.94 24.52 6.00
N GLN A 407 -1.68 24.83 4.74
CA GLN A 407 -0.37 24.50 4.15
C GLN A 407 -0.09 25.45 2.99
N ILE A 408 0.99 25.18 2.26
CA ILE A 408 1.61 26.12 1.35
C ILE A 408 1.62 25.53 -0.06
N HIS A 409 1.20 26.34 -1.04
CA HIS A 409 1.13 25.94 -2.44
C HIS A 409 2.17 26.69 -3.24
N GLU A 410 3.24 26.00 -3.63
CA GLU A 410 4.32 26.59 -4.41
C GLU A 410 4.02 26.48 -5.90
N GLU A 411 4.65 27.36 -6.67
CA GLU A 411 4.37 27.44 -8.11
C GLU A 411 5.51 28.16 -8.79
N GLY A 412 6.19 27.50 -9.72
CA GLY A 412 7.34 28.10 -10.37
C GLY A 412 6.91 28.90 -11.60
N TYR A 413 7.66 29.97 -11.87
CA TYR A 413 7.43 30.77 -13.07
C TYR A 413 8.78 31.22 -13.62
N ASN A 414 8.72 32.03 -14.67
CA ASN A 414 9.90 32.38 -15.45
C ASN A 414 9.80 33.83 -15.88
N HIS A 415 10.77 34.64 -15.48
CA HIS A 415 11.05 35.88 -16.15
C HIS A 415 12.04 35.63 -17.27
N LEU A 416 12.33 36.67 -18.05
CA LEU A 416 13.34 36.56 -19.10
C LEU A 416 13.89 37.97 -19.33
N GLU A 417 15.02 38.26 -18.70
CA GLU A 417 15.60 39.59 -18.74
C GLU A 417 16.56 39.69 -19.90
N CYS A 418 16.13 40.32 -20.99
CA CYS A 418 16.93 40.45 -22.19
C CYS A 418 17.70 41.77 -22.18
N HIS A 419 18.93 41.73 -22.69
CA HIS A 419 19.81 42.89 -22.65
C HIS A 419 19.52 43.82 -23.82
N THR A 430 21.89 39.79 -29.49
CA THR A 430 20.89 39.68 -28.43
C THR A 430 21.16 38.48 -27.53
N VAL A 431 21.46 38.74 -26.26
CA VAL A 431 21.60 37.68 -25.27
C VAL A 431 20.54 37.90 -24.20
N CYS A 432 20.06 36.80 -23.63
CA CYS A 432 19.00 36.84 -22.62
C CYS A 432 19.29 35.77 -21.59
N GLU A 433 19.12 36.09 -20.32
CA GLU A 433 19.20 35.10 -19.26
C GLU A 433 17.89 35.06 -18.48
N ASP A 434 17.50 33.87 -18.06
CA ASP A 434 16.20 33.65 -17.43
C ASP A 434 16.37 33.24 -15.98
N VAL A 435 15.51 33.78 -15.13
CA VAL A 435 15.56 33.54 -13.69
C VAL A 435 14.30 32.80 -13.29
N PHE A 436 14.45 31.85 -12.38
CA PHE A 436 13.37 30.97 -11.96
C PHE A 436 13.05 31.24 -10.51
N GLN A 437 11.98 31.95 -10.27
CA GLN A 437 11.54 32.25 -8.92
C GLN A 437 10.59 31.16 -8.46
N VAL A 438 9.93 31.37 -7.32
CA VAL A 438 8.85 30.50 -6.86
C VAL A 438 7.88 31.34 -6.06
N ALA A 439 6.58 31.09 -6.24
CA ALA A 439 5.53 31.89 -5.63
C ALA A 439 4.75 31.04 -4.65
N LYS A 440 4.67 31.49 -3.40
CA LYS A 440 4.03 30.73 -2.34
C LYS A 440 2.72 31.39 -1.94
N ALA A 441 1.80 30.60 -1.39
CA ALA A 441 0.52 31.12 -0.92
C ALA A 441 -0.04 30.15 0.10
N GLU A 442 -0.09 30.56 1.35
CA GLU A 442 -0.62 29.72 2.42
C GLU A 442 -2.14 29.76 2.40
N PHE A 443 -2.78 28.59 2.36
CA PHE A 443 -4.22 28.53 2.36
C PHE A 443 -4.75 27.78 3.58
N ARG A 444 -5.87 28.26 4.11
CA ARG A 444 -6.52 27.67 5.27
C ARG A 444 -7.93 27.29 4.85
N ALA A 445 -8.36 26.09 5.21
CA ALA A 445 -9.57 25.50 4.61
C ALA A 445 -10.53 25.03 5.69
N PHE A 446 -11.48 25.87 6.04
CA PHE A 446 -12.38 25.63 7.16
C PHE A 446 -13.64 24.88 6.72
N TRP A 447 -14.42 24.42 7.70
CA TRP A 447 -15.74 23.84 7.46
C TRP A 447 -16.58 24.08 8.70
N CYS A 448 -17.90 24.11 8.53
CA CYS A 448 -18.79 24.58 9.57
C CYS A 448 -19.50 23.43 10.29
N VAL A 449 -19.76 23.64 11.58
CA VAL A 449 -20.33 22.63 12.46
C VAL A 449 -21.56 23.23 13.13
N ALA A 450 -22.67 22.48 13.16
CA ALA A 450 -23.88 22.92 13.84
C ALA A 450 -23.62 23.01 15.34
N SER A 451 -23.79 24.21 15.90
CA SER A 451 -23.37 24.46 17.28
C SER A 451 -24.40 23.98 18.30
N SER A 452 -25.60 24.57 18.29
CA SER A 452 -26.58 24.26 19.32
C SER A 452 -27.87 23.66 18.76
N GLN A 453 -28.60 24.37 17.90
CA GLN A 453 -29.90 23.93 17.45
C GLN A 453 -30.24 24.64 16.15
N VAL A 454 -30.36 23.88 15.07
CA VAL A 454 -30.55 24.43 13.73
C VAL A 454 -31.85 23.84 13.16
N PRO A 455 -32.72 24.64 12.55
CA PRO A 455 -33.90 24.07 11.90
C PRO A 455 -33.54 23.28 10.65
N GLU A 456 -34.55 22.58 10.12
CA GLU A 456 -34.34 21.59 9.07
C GLU A 456 -33.91 22.20 7.74
N ASN A 457 -34.26 23.46 7.48
CA ASN A 457 -33.82 24.14 6.28
C ASN A 457 -32.53 24.90 6.57
N SER A 458 -32.21 25.86 5.71
CA SER A 458 -31.09 26.81 5.87
C SER A 458 -29.75 26.11 5.94
N GLY A 459 -29.61 24.99 5.24
CA GLY A 459 -28.36 24.27 5.21
C GLY A 459 -28.13 23.69 3.82
N LEU A 460 -26.87 23.66 3.42
CA LEU A 460 -26.50 23.08 2.15
C LEU A 460 -26.64 21.57 2.21
N LEU A 461 -26.92 20.98 1.06
CA LEU A 461 -26.99 19.53 0.97
C LEU A 461 -25.61 19.01 0.58
N PHE A 462 -25.51 17.74 0.23
CA PHE A 462 -24.21 17.13 0.00
C PHE A 462 -24.33 16.12 -1.13
N GLY A 463 -23.36 16.13 -2.05
CA GLY A 463 -23.40 15.24 -3.19
C GLY A 463 -22.08 14.52 -3.41
N GLY A 464 -21.27 14.45 -2.37
CA GLY A 464 -20.01 13.74 -2.45
C GLY A 464 -18.88 14.61 -2.98
N LEU A 465 -17.66 14.19 -2.66
CA LEU A 465 -16.48 14.88 -3.12
C LEU A 465 -15.99 14.25 -4.40
N PHE A 466 -15.22 15.01 -5.18
CA PHE A 466 -14.38 14.38 -6.17
C PHE A 466 -13.11 15.20 -6.32
N SER A 467 -11.99 14.53 -6.29
CA SER A 467 -10.69 15.16 -6.44
C SER A 467 -10.30 15.16 -7.92
N SER A 468 -9.04 15.46 -8.19
CA SER A 468 -8.50 15.28 -9.52
C SER A 468 -7.93 13.88 -9.73
N LYS A 469 -7.75 13.11 -8.66
CA LYS A 469 -7.28 11.74 -8.74
C LYS A 469 -8.37 10.73 -8.39
N SER A 470 -9.62 11.16 -8.37
CA SER A 470 -10.70 10.28 -7.93
C SER A 470 -12.00 10.73 -8.57
N ILE A 471 -13.07 10.01 -8.26
CA ILE A 471 -14.37 10.24 -8.87
C ILE A 471 -15.42 10.34 -7.78
N ASN A 472 -16.53 10.97 -8.13
CA ASN A 472 -17.68 11.04 -7.23
C ASN A 472 -18.52 9.79 -7.39
N PRO A 473 -18.74 9.01 -6.34
CA PRO A 473 -19.51 7.78 -6.48
C PRO A 473 -21.02 7.97 -6.56
N MET A 474 -21.52 9.19 -6.57
CA MET A 474 -22.93 9.39 -6.90
C MET A 474 -23.15 9.28 -8.40
N THR A 475 -22.29 9.88 -9.19
CA THR A 475 -22.47 9.93 -10.63
C THR A 475 -21.45 9.09 -11.40
N ASN A 476 -20.51 8.44 -10.70
CA ASN A 476 -19.49 7.55 -11.27
C ASN A 476 -18.62 8.26 -12.30
N ALA A 477 -18.42 9.57 -12.12
CA ALA A 477 -17.57 10.37 -12.98
C ALA A 477 -17.10 11.55 -12.16
N GLN A 478 -16.24 12.38 -12.75
CA GLN A 478 -15.72 13.56 -12.06
C GLN A 478 -16.65 14.74 -12.29
N SER A 479 -17.87 14.62 -11.75
CA SER A 479 -18.89 15.63 -11.95
C SER A 479 -19.90 15.59 -10.81
N CYS A 480 -20.41 16.76 -10.45
CA CYS A 480 -21.49 16.87 -9.51
C CYS A 480 -22.81 16.47 -10.18
N PRO A 481 -23.83 16.08 -9.41
CA PRO A 481 -25.12 15.74 -10.02
C PRO A 481 -25.88 16.92 -10.58
N ALA A 482 -27.10 16.67 -11.07
CA ALA A 482 -27.93 17.74 -11.58
C ALA A 482 -28.51 18.55 -10.43
N GLY A 483 -28.42 19.88 -10.53
CA GLY A 483 -28.85 20.78 -9.49
C GLY A 483 -27.76 21.19 -8.53
N TYR A 484 -26.68 20.42 -8.45
CA TYR A 484 -25.56 20.64 -7.54
C TYR A 484 -24.44 21.39 -8.25
N PHE A 485 -23.57 22.03 -7.46
CA PHE A 485 -22.47 22.78 -8.02
C PHE A 485 -21.24 22.69 -7.11
N PRO A 486 -20.04 22.64 -7.66
CA PRO A 486 -18.86 22.41 -6.84
C PRO A 486 -18.34 23.69 -6.19
N LEU A 487 -17.53 23.50 -5.15
CA LEU A 487 -16.76 24.59 -4.57
C LEU A 487 -15.44 24.04 -4.04
N ARG A 488 -14.36 24.75 -4.33
CA ARG A 488 -13.02 24.25 -4.14
C ARG A 488 -12.59 24.33 -2.69
N LEU A 489 -11.79 23.37 -2.24
CA LEU A 489 -11.40 23.40 -0.84
C LEU A 489 -9.91 23.15 -0.61
N PHE A 490 -9.26 22.34 -1.46
CA PHE A 490 -7.85 22.00 -1.22
C PHE A 490 -7.07 21.96 -2.51
N GLU A 491 -7.24 22.96 -3.37
CA GLU A 491 -6.51 23.22 -4.63
C GLU A 491 -6.76 22.18 -5.72
N ASN A 492 -7.43 21.07 -5.40
CA ASN A 492 -7.94 20.14 -6.40
C ASN A 492 -9.35 19.65 -6.09
N LEU A 493 -9.80 19.73 -4.84
CA LEU A 493 -10.99 19.04 -4.42
C LEU A 493 -12.23 19.84 -4.78
N LYS A 494 -13.33 19.15 -5.03
CA LYS A 494 -14.61 19.80 -5.34
C LYS A 494 -15.67 19.19 -4.44
N VAL A 495 -16.34 20.02 -3.66
CA VAL A 495 -17.44 19.58 -2.82
C VAL A 495 -18.74 19.89 -3.54
N CYS A 496 -19.54 18.88 -3.86
CA CYS A 496 -20.79 19.09 -4.56
C CYS A 496 -21.87 19.47 -3.57
N VAL A 497 -22.55 20.58 -3.83
CA VAL A 497 -23.45 21.23 -2.88
C VAL A 497 -24.60 21.86 -3.64
N SER A 498 -25.83 21.73 -3.13
CA SER A 498 -26.95 22.51 -3.64
C SER A 498 -27.86 22.98 -2.51
N GLN A 499 -28.39 24.19 -2.68
CA GLN A 499 -29.35 24.77 -1.74
C GLN A 499 -30.73 24.70 -2.38
N ASP A 500 -31.34 23.53 -2.28
CA ASP A 500 -32.75 23.32 -2.61
C ASP A 500 -33.22 22.08 -1.86
N TYR A 501 -34.53 21.87 -1.85
CA TYR A 501 -35.07 20.76 -1.09
C TYR A 501 -36.14 19.99 -1.84
N GLU A 502 -36.49 20.39 -3.06
CA GLU A 502 -37.46 19.69 -3.88
C GLU A 502 -36.81 18.89 -5.00
N LEU A 503 -35.84 19.49 -5.69
CA LEU A 503 -35.17 18.84 -6.81
C LEU A 503 -33.82 18.25 -6.45
N GLY A 504 -33.29 18.56 -5.27
CA GLY A 504 -32.00 18.04 -4.87
C GLY A 504 -32.06 17.12 -3.68
N SER A 505 -33.23 16.53 -3.43
CA SER A 505 -33.38 15.58 -2.35
C SER A 505 -33.25 14.12 -2.79
N ARG A 506 -33.08 13.88 -4.09
CA ARG A 506 -32.88 12.52 -4.56
C ARG A 506 -31.43 12.09 -4.44
N PHE A 507 -30.50 13.01 -4.69
CA PHE A 507 -29.08 12.70 -4.71
C PHE A 507 -28.38 13.10 -3.42
N ALA A 508 -29.13 13.46 -2.38
CA ALA A 508 -28.52 13.92 -1.15
C ALA A 508 -28.15 12.73 -0.28
N VAL A 509 -26.91 12.73 0.21
CA VAL A 509 -26.48 11.70 1.16
C VAL A 509 -26.16 12.38 2.49
N PRO A 510 -26.50 11.76 3.62
CA PRO A 510 -26.23 12.41 4.90
C PRO A 510 -24.75 12.43 5.21
N PHE A 511 -24.31 13.50 5.88
CA PHE A 511 -22.90 13.82 5.97
C PHE A 511 -22.46 13.79 7.41
N GLY A 512 -21.23 13.33 7.64
CA GLY A 512 -20.75 13.10 8.99
C GLY A 512 -19.59 13.96 9.40
N GLY A 513 -18.88 14.56 8.46
CA GLY A 513 -17.87 15.55 8.79
C GLY A 513 -16.50 15.15 8.29
N PHE A 514 -15.73 16.18 7.98
CA PHE A 514 -14.32 16.06 7.62
C PHE A 514 -13.48 15.90 8.88
N PHE A 515 -12.38 15.16 8.75
CA PHE A 515 -11.32 15.21 9.74
C PHE A 515 -10.00 15.00 9.00
N SER A 516 -8.91 14.90 9.73
CA SER A 516 -7.61 14.91 9.09
C SER A 516 -6.62 14.15 9.96
N CYS A 517 -5.34 14.32 9.64
CA CYS A 517 -4.31 13.70 10.45
C CYS A 517 -3.97 14.51 11.69
N THR A 518 -4.45 15.75 11.78
CA THR A 518 -4.21 16.62 12.93
C THR A 518 -5.48 16.93 13.71
N VAL A 519 -6.53 17.36 13.03
CA VAL A 519 -7.75 17.82 13.67
C VAL A 519 -8.84 16.78 13.45
N GLY A 520 -9.28 16.14 14.53
CA GLY A 520 -10.41 15.24 14.43
C GLY A 520 -11.72 16.00 14.32
N ASN A 521 -12.78 15.27 13.95
CA ASN A 521 -14.03 16.01 13.79
C ASN A 521 -14.75 16.15 15.13
N PRO A 522 -15.44 17.26 15.35
CA PRO A 522 -16.19 17.43 16.60
C PRO A 522 -17.59 16.83 16.57
N LEU A 523 -18.00 16.19 15.49
CA LEU A 523 -19.34 15.64 15.43
C LEU A 523 -19.48 14.30 16.12
N VAL A 524 -18.38 13.65 16.47
CA VAL A 524 -18.45 12.52 17.38
C VAL A 524 -18.48 13.06 18.81
N ASP A 525 -19.10 12.31 19.74
CA ASP A 525 -19.39 12.68 21.12
C ASP A 525 -20.17 13.98 21.15
N PRO A 526 -21.48 13.96 20.85
CA PRO A 526 -22.23 15.20 20.65
C PRO A 526 -22.48 16.02 21.91
N ALA A 527 -23.11 17.19 21.72
CA ALA A 527 -23.40 18.17 22.77
C ALA A 527 -22.13 18.59 23.51
N ILE A 528 -21.07 18.86 22.76
CA ILE A 528 -19.81 19.30 23.34
C ILE A 528 -19.64 20.80 23.16
N ALA A 534 -6.89 16.67 24.41
CA ALA A 534 -7.44 16.10 23.19
C ALA A 534 -8.67 16.86 22.73
N PRO A 535 -8.64 17.37 21.48
CA PRO A 535 -9.82 18.03 20.92
C PRO A 535 -10.97 17.05 20.74
N SER A 536 -10.73 15.99 19.97
CA SER A 536 -11.72 14.95 19.71
C SER A 536 -10.99 13.75 19.14
N LEU A 537 -11.76 12.75 18.72
CA LEU A 537 -11.18 11.57 18.10
C LEU A 537 -11.12 11.75 16.59
N LYS A 538 -10.32 10.89 15.95
CA LYS A 538 -10.15 10.92 14.50
C LYS A 538 -10.83 9.67 13.94
N LYS A 539 -12.15 9.75 13.79
CA LYS A 539 -12.98 8.67 13.27
C LYS A 539 -14.36 9.26 13.00
N CYS A 540 -15.25 8.43 12.48
CA CYS A 540 -16.61 8.83 12.18
C CYS A 540 -17.51 8.66 13.38
N PRO A 541 -18.71 9.24 13.36
CA PRO A 541 -19.73 8.80 14.32
C PRO A 541 -20.30 7.44 13.96
N GLY A 542 -21.23 6.94 14.77
CA GLY A 542 -21.71 5.58 14.60
C GLY A 542 -22.61 5.43 13.39
N GLY A 543 -22.42 4.34 12.66
CA GLY A 543 -23.19 4.06 11.47
C GLY A 543 -22.67 4.68 10.20
N PHE A 544 -21.63 5.50 10.28
CA PHE A 544 -21.04 6.18 9.14
C PHE A 544 -19.75 5.50 8.75
N SER A 545 -19.47 5.46 7.46
CA SER A 545 -18.22 4.91 6.94
C SER A 545 -17.29 6.03 6.51
N GLN A 546 -15.99 5.79 6.64
CA GLN A 546 -15.01 6.80 6.27
C GLN A 546 -14.36 6.46 4.94
N HIS A 547 -14.07 7.49 4.17
CA HIS A 547 -13.50 7.39 2.85
C HIS A 547 -12.36 8.38 2.73
N PRO A 548 -11.26 7.98 2.12
CA PRO A 548 -10.18 8.94 1.88
C PRO A 548 -10.54 9.84 0.72
N ALA A 549 -10.02 11.06 0.79
CA ALA A 549 -10.14 12.00 -0.31
C ALA A 549 -8.94 12.93 -0.25
N LEU A 550 -8.14 12.93 -1.31
CA LEU A 550 -7.10 13.92 -1.55
C LEU A 550 -6.02 13.96 -0.48
N ILE A 551 -5.11 12.99 -0.49
CA ILE A 551 -3.85 13.14 0.22
C ILE A 551 -3.14 14.37 -0.28
N SER A 552 -2.95 15.36 0.60
CA SER A 552 -2.41 16.67 0.25
C SER A 552 -1.10 16.88 1.00
N ASP A 553 0.00 16.46 0.38
CA ASP A 553 1.37 16.58 0.90
C ASP A 553 1.52 15.89 2.26
N GLY A 554 1.35 14.57 2.25
CA GLY A 554 1.71 13.78 3.40
C GLY A 554 0.70 13.74 4.52
N CYS A 555 -0.49 14.32 4.34
CA CYS A 555 -1.56 14.24 5.32
C CYS A 555 -2.86 14.04 4.58
N GLN A 556 -3.63 13.03 4.95
CA GLN A 556 -4.88 12.76 4.27
C GLN A 556 -6.05 13.31 5.06
N VAL A 557 -7.05 13.80 4.35
CA VAL A 557 -8.29 14.22 4.95
C VAL A 557 -9.37 13.22 4.55
N SER A 558 -10.23 12.89 5.49
CA SER A 558 -11.27 11.92 5.25
C SER A 558 -12.62 12.60 5.38
N TYR A 559 -13.69 11.86 5.12
CA TYR A 559 -15.03 12.39 5.28
C TYR A 559 -15.99 11.24 5.50
N CYS A 560 -16.94 11.44 6.39
CA CYS A 560 -17.87 10.42 6.81
C CYS A 560 -19.16 10.57 6.02
N VAL A 561 -19.70 9.47 5.50
CA VAL A 561 -21.01 9.45 4.85
C VAL A 561 -21.78 8.23 5.31
N LYS A 562 -23.05 8.17 4.93
CA LYS A 562 -23.87 6.98 5.14
C LYS A 562 -24.78 6.85 3.92
N SER A 563 -24.33 6.11 2.92
CA SER A 563 -25.14 5.88 1.74
C SER A 563 -25.34 4.41 1.44
N GLY A 564 -24.26 3.63 1.44
CA GLY A 564 -24.27 2.34 0.80
C GLY A 564 -23.93 2.37 -0.67
N LEU A 565 -24.10 3.52 -1.32
CA LEU A 565 -23.64 3.71 -2.69
C LEU A 565 -22.18 4.12 -2.74
N PHE A 566 -21.71 4.86 -1.73
CA PHE A 566 -20.28 5.09 -1.64
C PHE A 566 -19.56 3.84 -1.16
N THR A 567 -20.29 2.94 -0.51
CA THR A 567 -19.73 1.68 -0.03
C THR A 567 -19.42 0.73 -1.18
N GLY A 568 -20.39 0.46 -2.04
CA GLY A 568 -20.26 -0.58 -3.04
C GLY A 568 -19.32 -0.23 -4.18
N GLY A 569 -19.28 -1.11 -5.15
CA GLY A 569 -18.40 -0.95 -6.29
C GLY A 569 -17.21 -1.87 -6.18
N SER A 570 -16.27 -1.67 -7.08
CA SER A 570 -15.07 -2.49 -7.10
C SER A 570 -14.16 -2.13 -5.95
N LEU A 571 -13.30 -3.08 -5.57
CA LEU A 571 -12.35 -2.84 -4.51
C LEU A 571 -11.28 -1.86 -4.97
N PRO A 572 -10.78 -1.00 -4.09
CA PRO A 572 -9.83 0.01 -4.51
C PRO A 572 -8.47 -0.59 -4.79
N PRO A 573 -7.77 -0.09 -5.81
CA PRO A 573 -6.39 -0.50 -5.99
C PRO A 573 -5.50 0.12 -4.94
N ALA A 574 -4.31 -0.46 -4.78
CA ALA A 574 -3.36 0.04 -3.81
C ALA A 574 -2.81 1.37 -4.27
N ARG A 575 -2.74 2.33 -3.36
CA ARG A 575 -2.27 3.67 -3.68
C ARG A 575 -0.76 3.68 -3.54
N LEU A 576 -0.07 3.62 -4.68
CA LEU A 576 1.36 3.46 -4.69
C LEU A 576 2.04 4.78 -4.34
N PRO A 577 3.23 4.75 -3.76
CA PRO A 577 3.95 5.99 -3.53
C PRO A 577 4.56 6.48 -4.82
N PRO A 578 4.99 7.76 -4.91
CA PRO A 578 5.08 8.87 -3.95
C PRO A 578 3.76 9.57 -3.71
N PHE A 579 3.66 10.22 -2.56
CA PHE A 579 2.46 10.93 -2.17
C PHE A 579 2.67 12.43 -2.18
N THR A 580 3.88 12.89 -1.93
CA THR A 580 4.26 14.27 -2.08
C THR A 580 4.57 14.53 -3.55
N ARG A 581 4.18 15.71 -4.03
CA ARG A 581 4.64 16.13 -5.34
C ARG A 581 6.15 16.42 -5.29
N PRO A 582 6.86 16.28 -6.40
CA PRO A 582 8.29 16.60 -6.42
C PRO A 582 8.53 18.05 -6.09
N PRO A 583 9.38 18.34 -5.11
CA PRO A 583 9.56 19.72 -4.65
C PRO A 583 10.29 20.57 -5.67
N LEU A 584 10.12 21.88 -5.54
CA LEU A 584 10.60 22.83 -6.53
C LEU A 584 11.98 23.39 -6.19
N MET A 585 12.72 22.72 -5.29
CA MET A 585 14.09 23.07 -4.89
C MET A 585 14.18 24.48 -4.34
N SER A 586 13.22 24.86 -3.49
CA SER A 586 13.18 26.20 -2.92
C SER A 586 14.01 26.32 -1.65
N GLN A 587 14.88 25.36 -1.39
CA GLN A 587 15.76 25.37 -0.23
C GLN A 587 17.21 25.33 -0.71
N ALA A 588 18.03 26.23 -0.18
CA ALA A 588 19.43 26.22 -0.53
C ALA A 588 20.14 25.05 0.15
N ALA A 589 21.20 24.57 -0.49
CA ALA A 589 21.99 23.48 0.05
C ALA A 589 23.03 24.00 1.02
N THR A 590 23.17 23.32 2.15
CA THR A 590 24.22 23.65 3.11
C THR A 590 25.27 22.55 3.07
N ASN A 591 26.49 22.93 2.67
CA ASN A 591 27.57 21.96 2.56
C ASN A 591 28.04 21.56 3.95
N THR A 592 27.80 20.30 4.33
CA THR A 592 28.29 19.76 5.59
C THR A 592 29.59 19.02 5.35
N VAL A 593 30.56 19.25 6.23
CA VAL A 593 31.87 18.63 6.11
C VAL A 593 32.13 17.67 7.26
N ILE A 594 31.93 18.11 8.50
CA ILE A 594 32.25 17.31 9.67
C ILE A 594 30.96 16.78 10.29
N VAL A 595 30.99 15.50 10.64
CA VAL A 595 29.84 14.79 11.21
C VAL A 595 30.30 14.11 12.49
N THR A 596 29.63 14.39 13.60
CA THR A 596 30.05 13.84 14.87
C THR A 596 28.84 13.50 15.73
N ASN A 597 29.09 12.65 16.72
CA ASN A 597 28.14 12.44 17.82
C ASN A 597 28.85 12.67 19.14
N SER A 598 28.12 13.19 20.11
CA SER A 598 28.71 13.67 21.34
C SER A 598 28.94 12.56 22.35
N GLU A 599 28.38 11.37 22.14
CA GLU A 599 28.31 10.38 23.21
C GLU A 599 29.48 9.42 23.21
N ASN A 600 30.22 9.28 22.12
CA ASN A 600 31.44 8.50 22.14
C ASN A 600 32.62 9.21 21.49
N ALA A 601 32.47 10.49 21.11
CA ALA A 601 33.54 11.37 20.64
C ALA A 601 34.23 10.81 19.39
N ARG A 602 33.43 10.62 18.34
CA ARG A 602 33.93 10.19 17.05
C ARG A 602 33.54 11.22 16.01
N SER A 603 34.37 11.36 14.98
CA SER A 603 34.10 12.35 13.96
C SER A 603 34.49 11.81 12.60
N TRP A 604 33.72 12.18 11.58
CA TRP A 604 33.95 11.76 10.21
C TRP A 604 34.14 13.01 9.36
N ILE A 605 35.37 13.26 8.94
CA ILE A 605 35.71 14.48 8.22
C ILE A 605 35.73 14.17 6.74
N LYS A 606 34.94 14.90 5.97
CA LYS A 606 34.93 14.70 4.53
C LYS A 606 36.12 15.41 3.92
N ASP A 607 36.81 14.73 3.00
CA ASP A 607 37.97 15.31 2.34
C ASP A 607 37.54 16.31 1.28
N SER A 608 38.53 17.00 0.71
CA SER A 608 38.27 17.99 -0.32
C SER A 608 37.88 17.32 -1.62
N GLN A 609 37.25 18.12 -2.50
CA GLN A 609 36.86 17.75 -3.86
C GLN A 609 35.88 16.58 -3.92
N THR A 610 35.14 16.35 -2.82
CA THR A 610 34.04 15.38 -2.71
C THR A 610 34.54 13.96 -3.03
N HIS A 611 35.43 13.47 -2.17
CA HIS A 611 35.91 12.11 -2.38
C HIS A 611 35.13 11.11 -1.53
N GLN A 612 35.28 11.18 -0.21
CA GLN A 612 34.84 10.09 0.66
C GLN A 612 34.66 10.64 2.07
N TRP A 613 34.18 9.76 2.95
CA TRP A 613 34.07 10.02 4.38
C TRP A 613 35.10 9.16 5.09
N ARG A 614 36.21 9.76 5.48
CA ARG A 614 37.20 9.07 6.29
C ARG A 614 37.02 9.47 7.74
N LEU A 615 37.48 8.60 8.63
CA LEU A 615 37.32 8.86 10.05
C LEU A 615 38.30 9.95 10.49
N GLY A 616 37.88 10.74 11.46
CA GLY A 616 38.61 11.93 11.84
C GLY A 616 39.66 11.74 12.90
N GLU A 617 40.91 12.04 12.54
CA GLU A 617 41.97 12.11 13.53
C GLU A 617 41.75 13.32 14.44
N PRO A 618 42.17 13.23 15.70
CA PRO A 618 41.89 14.34 16.64
C PRO A 618 42.76 15.57 16.44
N ILE A 619 43.68 15.59 15.48
CA ILE A 619 44.48 16.78 15.23
C ILE A 619 43.94 17.62 14.07
N GLU A 620 43.04 17.07 13.25
CA GLU A 620 42.52 17.79 12.09
C GLU A 620 41.12 18.34 12.31
N LEU A 621 40.32 17.71 13.17
CA LEU A 621 38.96 18.19 13.41
C LEU A 621 38.97 19.49 14.21
N ARG A 622 39.93 19.66 15.13
CA ARG A 622 40.05 20.91 15.85
C ARG A 622 40.56 22.03 14.95
N ARG A 623 41.31 21.67 13.90
CA ARG A 623 41.71 22.63 12.88
C ARG A 623 40.62 22.87 11.85
N ALA A 624 39.52 22.12 11.90
CA ALA A 624 38.44 22.26 10.94
C ALA A 624 37.18 22.90 11.52
N MET A 625 37.04 22.94 12.85
CA MET A 625 35.87 23.56 13.45
C MET A 625 35.95 25.07 13.50
N ASN A 626 37.14 25.66 13.29
CA ASN A 626 37.27 27.11 13.37
C ASN A 626 36.66 27.79 12.16
N VAL A 627 36.75 27.18 10.98
CA VAL A 627 36.14 27.77 9.79
C VAL A 627 34.64 27.54 9.72
N ILE A 628 34.10 26.67 10.57
CA ILE A 628 32.66 26.41 10.56
C ILE A 628 31.91 27.46 11.39
N HIS A 629 32.24 27.57 12.67
CA HIS A 629 31.60 28.53 13.55
C HIS A 629 32.55 28.99 14.65
C1 NAG B . 17.82 23.36 7.43
C2 NAG B . 18.04 24.83 7.81
C3 NAG B . 16.90 25.32 8.69
C4 NAG B . 15.54 25.04 8.04
C5 NAG B . 15.44 23.57 7.62
C6 NAG B . 14.21 23.28 6.80
C7 NAG B . 20.36 25.57 7.88
C8 NAG B . 21.61 25.67 8.71
N2 NAG B . 19.31 25.00 8.47
O3 NAG B . 17.05 26.72 8.89
O4 NAG B . 14.52 25.30 9.00
O5 NAG B . 16.56 23.22 6.80
O6 NAG B . 14.00 24.29 5.82
O7 NAG B . 20.32 25.98 6.73
C1 NAG B . 13.70 26.45 8.67
C2 NAG B . 12.84 26.76 9.90
C3 NAG B . 11.96 27.97 9.62
C4 NAG B . 12.79 29.16 9.16
C5 NAG B . 13.65 28.76 7.96
C6 NAG B . 14.60 29.86 7.54
C7 NAG B . 12.34 24.85 11.35
C8 NAG B . 11.41 23.71 11.62
N2 NAG B . 12.04 25.62 10.30
O3 NAG B . 11.24 28.32 10.80
O4 NAG B . 11.94 30.23 8.78
O5 NAG B . 14.45 27.61 8.28
O6 NAG B . 14.26 31.10 8.13
O7 NAG B . 13.33 25.07 12.05
C1 NAG C . -28.03 -26.15 -1.85
C2 NAG C . -28.86 -26.85 -2.93
C3 NAG C . -30.20 -27.32 -2.35
C4 NAG C . -30.01 -28.10 -1.06
C5 NAG C . -29.15 -27.32 -0.08
C6 NAG C . -28.81 -28.08 1.17
C7 NAG C . -29.30 -26.41 -5.30
C8 NAG C . -29.50 -25.36 -6.35
N2 NAG C . -29.08 -25.97 -4.07
O3 NAG C . -30.86 -28.15 -3.30
O4 NAG C . -31.29 -28.32 -0.46
O5 NAG C . -27.91 -26.97 -0.70
O6 NAG C . -28.52 -27.20 2.25
O7 NAG C . -29.36 -27.61 -5.57
C1 NAG C . -31.71 -29.70 -0.47
C2 NAG C . -33.05 -29.78 0.27
C3 NAG C . -33.60 -31.21 0.26
C4 NAG C . -33.65 -31.76 -1.16
C5 NAG C . -32.28 -31.63 -1.82
C6 NAG C . -32.27 -32.06 -3.27
C7 NAG C . -32.24 -29.66 2.65
C8 NAG C . -32.39 -28.89 3.93
N2 NAG C . -33.00 -29.23 1.62
O3 NAG C . -34.91 -31.21 0.83
O4 NAG C . -34.03 -33.13 -1.15
O5 NAG C . -31.84 -30.26 -1.80
O6 NAG C . -33.30 -33.03 -3.51
O7 NAG C . -31.48 -30.63 2.57
#